data_9AT6
#
_entry.id   9AT6
#
_cell.length_a   55.237
_cell.length_b   98.287
_cell.length_c   58.911
_cell.angle_alpha   90.00
_cell.angle_beta   107.89
_cell.angle_gamma   90.00
#
_symmetry.space_group_name_H-M   'P 1 21 1'
#
loop_
_entity.id
_entity.type
_entity.pdbx_description
1 polymer '3C-like proteinase nsp5'
2 non-polymer '(1R,2S)-2-{[N-({[(2S)-1-{[(1R,2S,4R)-bicyclo[2.2.1]hept-5-en-2-yl]methyl}-5-oxopyrrolidin-2-yl]methoxy}carbonyl)-L-leucyl]amino}-1-hydroxy-3-[(3S)-2-oxopyrrolidin-3-yl]propane-1-sulfonic acid'
3 non-polymer '(1S,2S)-2-{[N-({[(2S)-1-{[(1R,2S,4R)-bicyclo[2.2.1]hept-5-en-2-yl]methyl}-5-oxopyrrolidin-2-yl]methoxy}carbonyl)-L-leucyl]amino}-1-hydroxy-3-[(3S)-2-oxopyrrolidin-3-yl]propane-1-sulfonic acid'
4 non-polymer 'TETRAETHYLENE GLYCOL'
5 water water
#
_entity_poly.entity_id   1
_entity_poly.type   'polypeptide(L)'
_entity_poly.pdbx_seq_one_letter_code
;SNIGSGFRKMAFPSGKVEGCMVQVTCGTTTLNGLWLDDVVYCPRHVICTSEDMLNPNYEDLLIRKSNHNFLVQAGNVQLR
VIGHSMQNCVLKLKVDTANPKTPKYKFVRIQPGQTFSVLACYNGSPSGVYQCAMRPNFTIKGSFLNGSCGSVGFNIDYDC
VSFCYMHHMELPTGVHAGTDLEGNFYGPFVDRQTAQAAGTDTTITVNVLAWLYAAVINGDRWFLNRFTTTLNDFNLVAMK
YNYEPLTQDHVDILGPLSAQTGIAVLDMCASLKELLQNGMNGRTILGSALLEDEFTPFDVVRQCSGVT
;
_entity_poly.pdbx_strand_id   A,B
#
# COMPACT_ATOMS: atom_id res chain seq x y z
N GLY A 6 1.74 -2.91 14.07
CA GLY A 6 0.45 -3.51 14.39
C GLY A 6 -0.71 -2.99 13.56
N PHE A 7 -0.54 -1.82 12.94
CA PHE A 7 -1.64 -1.18 12.21
C PHE A 7 -1.08 -0.40 11.03
N ARG A 8 -1.49 -0.78 9.82
CA ARG A 8 -0.87 -0.30 8.60
C ARG A 8 -1.93 0.23 7.63
N LYS A 9 -1.54 1.18 6.79
CA LYS A 9 -2.43 1.62 5.73
C LYS A 9 -2.45 0.53 4.67
N MET A 10 -3.59 -0.10 4.52
CA MET A 10 -3.72 -1.33 3.78
C MET A 10 -4.69 -1.13 2.63
N ALA A 11 -4.25 -1.49 1.43
CA ALA A 11 -5.11 -1.46 0.26
C ALA A 11 -5.77 -2.82 0.06
N PHE A 12 -6.89 -2.81 -0.65
CA PHE A 12 -7.50 -4.06 -1.06
C PHE A 12 -6.62 -4.78 -2.09
N PRO A 13 -6.63 -6.10 -2.09
CA PRO A 13 -5.94 -6.83 -3.16
C PRO A 13 -6.48 -6.39 -4.50
N SER A 14 -5.58 -6.11 -5.43
CA SER A 14 -5.93 -5.42 -6.66
C SER A 14 -6.18 -6.35 -7.84
N GLY A 15 -6.05 -7.67 -7.67
CA GLY A 15 -6.08 -8.55 -8.83
C GLY A 15 -7.37 -8.49 -9.63
N LYS A 16 -8.51 -8.37 -8.94
CA LYS A 16 -9.75 -8.32 -9.69
C LYS A 16 -9.83 -7.10 -10.59
N VAL A 17 -9.17 -6.00 -10.21
CA VAL A 17 -9.16 -4.80 -11.05
C VAL A 17 -8.08 -4.88 -12.11
N GLU A 18 -6.92 -5.47 -11.79
CA GLU A 18 -5.85 -5.60 -12.77
C GLU A 18 -6.34 -6.28 -14.03
N GLY A 19 -7.20 -7.29 -13.89
CA GLY A 19 -7.72 -8.03 -15.02
C GLY A 19 -8.65 -7.22 -15.90
N CYS A 20 -8.97 -5.99 -15.50
CA CYS A 20 -9.84 -5.14 -16.28
C CYS A 20 -9.11 -3.98 -16.95
N MET A 21 -7.82 -3.80 -16.69
CA MET A 21 -7.15 -2.60 -17.20
C MET A 21 -6.66 -2.80 -18.63
N VAL A 22 -6.90 -1.79 -19.46
CA VAL A 22 -6.46 -1.78 -20.85
C VAL A 22 -5.90 -0.41 -21.17
N GLN A 23 -5.23 -0.33 -22.31
CA GLN A 23 -4.70 0.91 -22.84
C GLN A 23 -5.64 1.45 -23.92
N VAL A 24 -5.89 2.77 -23.88
CA VAL A 24 -6.72 3.44 -24.88
C VAL A 24 -5.93 4.59 -25.48
N THR A 25 -5.87 4.64 -26.81
CA THR A 25 -5.15 5.68 -27.51
C THR A 25 -6.06 6.36 -28.53
N CYS A 26 -5.99 7.68 -28.57
CA CYS A 26 -6.63 8.47 -29.62
C CYS A 26 -5.66 9.56 -30.02
N GLY A 27 -5.29 9.60 -31.29
CA GLY A 27 -4.26 10.52 -31.73
C GLY A 27 -2.96 10.22 -31.02
N THR A 28 -2.33 11.26 -30.46
CA THR A 28 -1.10 11.10 -29.70
C THR A 28 -1.32 11.00 -28.21
N THR A 29 -2.57 10.80 -27.77
CA THR A 29 -2.89 10.70 -26.34
C THR A 29 -3.17 9.25 -25.97
N THR A 30 -2.47 8.76 -24.96
CA THR A 30 -2.67 7.42 -24.44
C THR A 30 -3.00 7.53 -22.95
N LEU A 31 -3.99 6.74 -22.53
CA LEU A 31 -4.32 6.63 -21.11
C LEU A 31 -4.91 5.23 -20.90
N ASN A 32 -5.45 5.00 -19.70
CA ASN A 32 -5.95 3.70 -19.31
C ASN A 32 -7.47 3.66 -19.46
N GLY A 33 -7.99 2.46 -19.71
CA GLY A 33 -9.41 2.21 -19.66
C GLY A 33 -9.72 1.02 -18.80
N LEU A 34 -10.98 0.94 -18.37
CA LEU A 34 -11.51 -0.13 -17.55
C LEU A 34 -12.46 -0.99 -18.39
N TRP A 35 -12.10 -2.26 -18.60
CA TRP A 35 -12.81 -3.16 -19.49
C TRP A 35 -13.69 -4.10 -18.68
N LEU A 36 -15.01 -3.87 -18.74
CA LEU A 36 -15.98 -4.67 -17.99
C LEU A 36 -16.97 -5.20 -19.00
N ASP A 37 -17.14 -6.51 -19.06
CA ASP A 37 -17.99 -7.15 -20.07
C ASP A 37 -17.52 -6.66 -21.43
N ASP A 38 -18.37 -6.07 -22.27
CA ASP A 38 -17.95 -5.63 -23.59
C ASP A 38 -17.83 -4.11 -23.71
N VAL A 39 -17.53 -3.41 -22.61
CA VAL A 39 -17.42 -1.96 -22.63
C VAL A 39 -16.12 -1.54 -21.96
N VAL A 40 -15.44 -0.56 -22.55
CA VAL A 40 -14.25 0.05 -21.98
C VAL A 40 -14.60 1.47 -21.59
N TYR A 41 -14.39 1.80 -20.32
CA TYR A 41 -14.66 3.12 -19.76
C TYR A 41 -13.35 3.87 -19.63
N CYS A 42 -13.30 5.12 -20.08
CA CYS A 42 -12.08 5.89 -19.94
C CYS A 42 -12.41 7.36 -19.88
N PRO A 43 -11.47 8.21 -19.48
CA PRO A 43 -11.72 9.65 -19.48
C PRO A 43 -11.92 10.19 -20.89
N ARG A 44 -12.93 11.03 -21.04
CA ARG A 44 -13.22 11.54 -22.37
C ARG A 44 -12.14 12.49 -22.89
N HIS A 45 -11.32 13.08 -22.03
CA HIS A 45 -10.30 13.99 -22.55
C HIS A 45 -9.24 13.30 -23.41
N VAL A 46 -9.27 11.97 -23.53
CA VAL A 46 -8.43 11.28 -24.51
C VAL A 46 -8.67 11.79 -25.92
N ILE A 47 -9.83 12.38 -26.21
CA ILE A 47 -10.12 12.84 -27.57
C ILE A 47 -9.62 14.26 -27.84
N CYS A 48 -9.05 14.90 -26.85
CA CYS A 48 -8.64 16.31 -27.04
C CYS A 48 -7.21 16.46 -27.57
N THR A 49 -7.00 17.48 -28.38
CA THR A 49 -5.70 17.90 -28.84
C THR A 49 -5.30 19.15 -28.09
N SER A 50 -4.13 19.69 -28.44
CA SER A 50 -3.69 20.92 -27.83
C SER A 50 -4.65 22.07 -28.13
N GLU A 51 -5.17 22.13 -29.36
CA GLU A 51 -6.04 23.23 -29.75
C GLU A 51 -7.42 23.17 -29.11
N ASP A 52 -7.80 22.03 -28.50
CA ASP A 52 -9.11 21.84 -27.91
C ASP A 52 -9.12 21.96 -26.40
N MET A 53 -7.98 21.73 -25.75
CA MET A 53 -7.97 21.39 -24.33
C MET A 53 -8.35 22.56 -23.42
N LEU A 54 -8.23 23.80 -23.88
CA LEU A 54 -8.56 24.93 -23.01
C LEU A 54 -10.07 25.14 -22.87
N ASN A 55 -10.86 24.74 -23.88
CA ASN A 55 -12.32 24.90 -23.84
C ASN A 55 -12.90 23.85 -24.78
N PRO A 56 -12.83 22.57 -24.39
CA PRO A 56 -13.22 21.49 -25.32
C PRO A 56 -14.73 21.32 -25.35
N ASN A 57 -15.30 21.45 -26.55
CA ASN A 57 -16.74 21.21 -26.73
C ASN A 57 -16.88 19.73 -27.01
N TYR A 58 -16.99 18.95 -25.93
CA TYR A 58 -16.81 17.50 -26.05
C TYR A 58 -17.83 16.86 -26.99
N GLU A 59 -19.10 17.30 -26.96
CA GLU A 59 -20.07 16.70 -27.87
C GLU A 59 -19.66 16.95 -29.31
N ASP A 60 -19.17 18.16 -29.57
CA ASP A 60 -18.75 18.51 -30.93
C ASP A 60 -17.49 17.74 -31.33
N LEU A 61 -16.56 17.54 -30.40
CA LEU A 61 -15.34 16.82 -30.72
C LEU A 61 -15.63 15.34 -30.95
N LEU A 62 -16.54 14.77 -30.16
CA LEU A 62 -16.79 13.34 -30.24
C LEU A 62 -17.56 12.95 -31.49
N ILE A 63 -18.50 13.80 -31.94
CA ILE A 63 -19.27 13.43 -33.12
C ILE A 63 -18.38 13.33 -34.36
N ARG A 64 -17.22 13.98 -34.33
CA ARG A 64 -16.28 13.98 -35.43
C ARG A 64 -15.33 12.78 -35.41
N LYS A 65 -15.37 11.96 -34.37
CA LYS A 65 -14.52 10.78 -34.28
C LYS A 65 -15.26 9.55 -34.81
N SER A 66 -14.49 8.58 -35.30
CA SER A 66 -14.99 7.28 -35.73
C SER A 66 -14.52 6.19 -34.77
N ASN A 67 -15.17 5.03 -34.84
CA ASN A 67 -14.78 3.92 -33.99
C ASN A 67 -13.30 3.59 -34.17
N HIS A 68 -12.80 3.66 -35.42
CA HIS A 68 -11.41 3.28 -35.69
C HIS A 68 -10.40 4.31 -35.23
N ASN A 69 -10.83 5.49 -34.76
CA ASN A 69 -9.87 6.43 -34.19
C ASN A 69 -9.44 6.03 -32.79
N PHE A 70 -10.13 5.06 -32.18
CA PHE A 70 -9.81 4.59 -30.84
C PHE A 70 -9.07 3.26 -30.94
N LEU A 71 -7.84 3.24 -30.44
CA LEU A 71 -7.02 2.04 -30.39
C LEU A 71 -7.05 1.54 -28.95
N VAL A 72 -7.62 0.36 -28.75
CA VAL A 72 -7.71 -0.25 -27.44
C VAL A 72 -6.85 -1.50 -27.46
N GLN A 73 -5.97 -1.65 -26.46
CA GLN A 73 -5.05 -2.79 -26.40
C GLN A 73 -5.15 -3.43 -25.03
N ALA A 74 -5.46 -4.73 -25.01
CA ALA A 74 -5.39 -5.54 -23.80
C ALA A 74 -4.13 -6.38 -23.93
N GLY A 75 -3.06 -5.96 -23.27
CA GLY A 75 -1.79 -6.63 -23.45
C GLY A 75 -1.32 -6.52 -24.89
N ASN A 76 -0.99 -7.66 -25.49
CA ASN A 76 -0.54 -7.72 -26.87
C ASN A 76 -1.67 -7.98 -27.85
N VAL A 77 -2.90 -7.58 -27.51
CA VAL A 77 -4.07 -7.86 -28.34
C VAL A 77 -4.89 -6.59 -28.49
N GLN A 78 -5.22 -6.25 -29.73
CA GLN A 78 -6.07 -5.10 -30.00
C GLN A 78 -7.53 -5.51 -29.94
N LEU A 79 -8.34 -4.68 -29.28
CA LEU A 79 -9.78 -4.88 -29.18
C LEU A 79 -10.49 -3.93 -30.14
N ARG A 80 -11.36 -4.49 -30.98
CA ARG A 80 -12.04 -3.71 -32.00
C ARG A 80 -13.18 -2.93 -31.35
N VAL A 81 -13.13 -1.61 -31.47
CA VAL A 81 -14.22 -0.75 -31.03
C VAL A 81 -15.33 -0.78 -32.09
N ILE A 82 -16.55 -1.09 -31.65
CA ILE A 82 -17.70 -1.18 -32.54
C ILE A 82 -18.78 -0.16 -32.21
N GLY A 83 -18.55 0.70 -31.24
CA GLY A 83 -19.50 1.73 -30.91
C GLY A 83 -18.91 2.56 -29.79
N HIS A 84 -19.44 3.77 -29.63
CA HIS A 84 -19.00 4.61 -28.53
C HIS A 84 -20.11 5.54 -28.10
N SER A 85 -20.09 5.92 -26.82
CA SER A 85 -20.98 6.93 -26.31
C SER A 85 -20.27 7.65 -25.17
N MET A 86 -20.84 8.77 -24.76
CA MET A 86 -20.28 9.60 -23.72
C MET A 86 -21.31 9.73 -22.61
N GLN A 87 -20.86 9.58 -21.37
CA GLN A 87 -21.72 9.80 -20.20
C GLN A 87 -20.94 10.75 -19.30
N ASN A 88 -21.42 11.98 -19.22
CA ASN A 88 -20.69 13.02 -18.49
C ASN A 88 -19.23 13.03 -18.96
N CYS A 89 -18.27 12.89 -18.05
CA CYS A 89 -16.86 13.00 -18.44
C CYS A 89 -16.19 11.68 -18.77
N VAL A 90 -16.96 10.59 -18.93
CA VAL A 90 -16.44 9.27 -19.26
CA VAL A 90 -16.40 9.30 -19.29
C VAL A 90 -16.90 8.88 -20.65
N LEU A 91 -15.98 8.30 -21.40
CA LEU A 91 -16.28 7.68 -22.70
C LEU A 91 -16.48 6.18 -22.50
N LYS A 92 -17.47 5.62 -23.18
CA LYS A 92 -17.79 4.20 -23.11
C LYS A 92 -17.60 3.62 -24.50
N LEU A 93 -16.56 2.82 -24.67
CA LEU A 93 -16.20 2.24 -25.96
C LEU A 93 -16.70 0.80 -25.97
N LYS A 94 -17.67 0.52 -26.82
CA LYS A 94 -18.15 -0.84 -26.97
C LYS A 94 -17.15 -1.59 -27.83
N VAL A 95 -16.70 -2.73 -27.35
CA VAL A 95 -15.80 -3.59 -28.09
C VAL A 95 -16.50 -4.89 -28.44
N ASP A 96 -15.92 -5.62 -29.39
CA ASP A 96 -16.55 -6.83 -29.91
C ASP A 96 -16.16 -8.08 -29.13
N THR A 97 -15.58 -7.91 -27.94
CA THR A 97 -15.07 -9.01 -27.12
C THR A 97 -15.42 -8.74 -25.68
N ALA A 98 -15.95 -9.75 -24.98
CA ALA A 98 -16.23 -9.62 -23.55
C ALA A 98 -15.01 -10.00 -22.73
N ASN A 99 -14.81 -9.30 -21.61
CA ASN A 99 -13.71 -9.60 -20.71
C ASN A 99 -14.09 -10.76 -19.81
N PRO A 100 -13.49 -11.96 -19.96
CA PRO A 100 -13.84 -13.06 -19.06
C PRO A 100 -13.36 -12.85 -17.65
N LYS A 101 -12.50 -11.87 -17.42
CA LYS A 101 -12.00 -11.57 -16.09
C LYS A 101 -12.85 -10.52 -15.38
N THR A 102 -13.97 -10.12 -15.98
CA THR A 102 -14.84 -9.14 -15.35
C THR A 102 -15.30 -9.65 -14.00
N PRO A 103 -15.03 -8.95 -12.90
CA PRO A 103 -15.52 -9.39 -11.59
C PRO A 103 -16.99 -8.99 -11.43
N LYS A 104 -17.61 -9.56 -10.40
CA LYS A 104 -18.84 -8.96 -9.92
C LYS A 104 -18.51 -7.53 -9.49
N TYR A 105 -19.34 -6.58 -9.90
CA TYR A 105 -19.00 -5.19 -9.65
C TYR A 105 -20.22 -4.31 -9.55
N LYS A 106 -20.03 -3.15 -8.95
CA LYS A 106 -20.99 -2.07 -9.02
C LYS A 106 -20.24 -0.76 -9.13
N PHE A 107 -20.93 0.26 -9.62
CA PHE A 107 -20.44 1.62 -9.62
C PHE A 107 -21.11 2.37 -8.48
N VAL A 108 -20.32 3.01 -7.64
CA VAL A 108 -20.85 3.76 -6.51
C VAL A 108 -20.23 5.15 -6.51
N ARG A 109 -20.91 6.06 -5.86
CA ARG A 109 -20.37 7.39 -5.61
C ARG A 109 -20.08 7.48 -4.12
N ILE A 110 -18.85 7.73 -3.77
CA ILE A 110 -18.49 7.74 -2.36
C ILE A 110 -18.66 9.14 -1.77
N GLN A 111 -18.77 9.18 -0.47
CA GLN A 111 -18.94 10.39 0.31
C GLN A 111 -17.58 10.87 0.80
N PRO A 112 -17.42 12.17 1.00
CA PRO A 112 -16.19 12.67 1.59
C PRO A 112 -15.91 11.98 2.93
N GLY A 113 -14.64 11.65 3.14
CA GLY A 113 -14.22 10.95 4.32
C GLY A 113 -14.15 9.46 4.15
N GLN A 114 -14.77 8.90 3.12
CA GLN A 114 -14.65 7.48 2.86
C GLN A 114 -13.33 7.21 2.16
N THR A 115 -12.81 6.01 2.37
CA THR A 115 -11.54 5.58 1.79
C THR A 115 -11.78 4.58 0.67
N PHE A 116 -10.74 4.43 -0.15
CA PHE A 116 -10.76 3.49 -1.25
C PHE A 116 -9.34 3.18 -1.65
N SER A 117 -9.16 2.10 -2.39
CA SER A 117 -7.88 1.74 -2.95
C SER A 117 -7.77 2.24 -4.37
N VAL A 118 -6.58 2.72 -4.73
CA VAL A 118 -6.27 3.17 -6.08
C VAL A 118 -5.30 2.18 -6.71
N LEU A 119 -5.60 1.76 -7.94
CA LEU A 119 -4.68 0.97 -8.75
C LEU A 119 -4.14 1.94 -9.80
N ALA A 120 -2.95 2.46 -9.55
CA ALA A 120 -2.31 3.37 -10.49
C ALA A 120 -1.75 2.56 -11.64
N CYS A 121 -2.09 3.00 -12.86
CA CYS A 121 -1.74 2.30 -14.08
C CYS A 121 -1.16 3.28 -15.09
N TYR A 122 -0.27 2.74 -15.95
CA TYR A 122 0.34 3.47 -17.04
C TYR A 122 0.37 2.57 -18.26
N ASN A 123 -0.11 3.09 -19.40
CA ASN A 123 -0.14 2.32 -20.64
C ASN A 123 -0.92 1.02 -20.49
N GLY A 124 -1.99 1.08 -19.70
CA GLY A 124 -2.81 -0.09 -19.45
C GLY A 124 -2.21 -1.11 -18.51
N SER A 125 -1.02 -0.83 -17.96
CA SER A 125 -0.33 -1.76 -17.09
CA SER A 125 -0.32 -1.76 -17.10
C SER A 125 -0.36 -1.29 -15.65
N PRO A 126 -0.85 -2.11 -14.72
CA PRO A 126 -0.86 -1.69 -13.32
C PRO A 126 0.55 -1.53 -12.76
N SER A 127 0.72 -0.45 -11.99
CA SER A 127 2.02 -0.07 -11.46
CA SER A 127 2.02 -0.03 -11.45
C SER A 127 2.08 -0.04 -9.93
N GLY A 128 1.00 0.34 -9.25
CA GLY A 128 1.04 0.38 -7.80
C GLY A 128 -0.36 0.47 -7.23
N VAL A 129 -0.47 0.13 -5.94
CA VAL A 129 -1.77 0.14 -5.27
C VAL A 129 -1.60 0.81 -3.91
N TYR A 130 -2.53 1.69 -3.56
CA TYR A 130 -2.44 2.39 -2.29
C TYR A 130 -3.83 2.87 -1.88
N GLN A 131 -3.98 3.15 -0.59
CA GLN A 131 -5.23 3.61 -0.01
C GLN A 131 -5.27 5.14 0.00
N CYS A 132 -6.44 5.69 -0.34
CA CYS A 132 -6.73 7.12 -0.42
C CYS A 132 -8.03 7.39 0.34
N ALA A 133 -8.26 8.65 0.71
CA ALA A 133 -9.57 9.10 1.17
C ALA A 133 -10.11 10.15 0.22
N MET A 134 -11.43 10.17 0.05
CA MET A 134 -12.06 11.34 -0.56
C MET A 134 -12.02 12.48 0.44
N ARG A 135 -11.28 13.53 0.12
CA ARG A 135 -11.14 14.64 1.06
C ARG A 135 -12.46 15.39 1.15
N PRO A 136 -12.66 16.12 2.25
CA PRO A 136 -13.86 16.95 2.37
C PRO A 136 -14.00 17.96 1.25
N ASN A 137 -12.89 18.45 0.68
CA ASN A 137 -12.95 19.35 -0.46
C ASN A 137 -12.97 18.60 -1.81
N PHE A 138 -13.18 17.29 -1.78
CA PHE A 138 -13.40 16.47 -2.97
C PHE A 138 -12.16 16.31 -3.83
N THR A 139 -10.99 16.55 -3.29
CA THR A 139 -9.76 16.12 -3.91
C THR A 139 -9.33 14.81 -3.29
N ILE A 140 -8.32 14.20 -3.91
CA ILE A 140 -7.66 13.06 -3.31
C ILE A 140 -6.16 13.35 -3.30
N LYS A 141 -5.50 12.96 -2.23
CA LYS A 141 -4.05 13.11 -2.12
C LYS A 141 -3.47 11.82 -2.69
N GLY A 142 -3.29 11.81 -4.00
CA GLY A 142 -2.84 10.62 -4.69
C GLY A 142 -1.40 10.72 -5.11
N SER A 143 -0.99 9.67 -5.80
CA SER A 143 0.31 9.58 -6.45
CA SER A 143 0.31 9.59 -6.46
C SER A 143 -0.01 9.18 -7.89
N PHE A 144 -0.03 10.17 -8.78
CA PHE A 144 -0.35 9.97 -10.18
C PHE A 144 0.57 10.81 -11.03
N LEU A 145 1.10 10.22 -12.08
CA LEU A 145 2.02 10.85 -13.03
C LEU A 145 1.33 10.98 -14.40
N ASN A 146 2.04 11.58 -15.35
CA ASN A 146 1.54 11.58 -16.73
C ASN A 146 1.19 10.17 -17.15
N GLY A 147 0.05 10.03 -17.83
CA GLY A 147 -0.39 8.73 -18.32
C GLY A 147 -1.24 7.94 -17.36
N SER A 148 -1.44 8.44 -16.15
CA SER A 148 -2.20 7.72 -15.13
C SER A 148 -3.72 7.85 -15.29
N CYS A 149 -4.20 8.75 -16.15
CA CYS A 149 -5.65 8.93 -16.26
C CYS A 149 -6.33 7.62 -16.64
N GLY A 150 -7.52 7.43 -16.09
CA GLY A 150 -8.23 6.18 -16.27
C GLY A 150 -7.93 5.14 -15.24
N SER A 151 -6.87 5.33 -14.44
CA SER A 151 -6.69 4.55 -13.23
C SER A 151 -7.94 4.71 -12.36
N VAL A 152 -8.28 3.64 -11.62
CA VAL A 152 -9.52 3.64 -10.87
C VAL A 152 -9.29 3.41 -9.38
N GLY A 153 -10.27 3.86 -8.61
CA GLY A 153 -10.34 3.61 -7.18
C GLY A 153 -11.53 2.71 -6.89
N PHE A 154 -11.38 1.89 -5.85
CA PHE A 154 -12.38 0.87 -5.61
C PHE A 154 -12.31 0.37 -4.16
N ASN A 155 -13.39 -0.29 -3.75
CA ASN A 155 -13.44 -1.07 -2.52
C ASN A 155 -13.91 -2.47 -2.91
N ILE A 156 -13.59 -3.47 -2.09
CA ILE A 156 -14.05 -4.83 -2.32
C ILE A 156 -14.83 -5.30 -1.11
N ASP A 157 -16.01 -5.84 -1.36
CA ASP A 157 -16.84 -6.46 -0.33
C ASP A 157 -17.14 -7.88 -0.78
N TYR A 158 -16.66 -8.86 -0.01
CA TYR A 158 -16.77 -10.26 -0.42
C TYR A 158 -16.19 -10.42 -1.82
N ASP A 159 -17.02 -10.77 -2.80
CA ASP A 159 -16.57 -10.99 -4.16
C ASP A 159 -16.73 -9.77 -5.07
N CYS A 160 -17.28 -8.67 -4.55
CA CYS A 160 -17.84 -7.61 -5.37
C CYS A 160 -16.96 -6.36 -5.31
N VAL A 161 -16.52 -5.91 -6.48
CA VAL A 161 -15.71 -4.70 -6.60
C VAL A 161 -16.63 -3.51 -6.79
N SER A 162 -16.57 -2.55 -5.88
CA SER A 162 -17.33 -1.30 -6.00
C SER A 162 -16.37 -0.22 -6.49
N PHE A 163 -16.50 0.15 -7.76
CA PHE A 163 -15.67 1.18 -8.37
C PHE A 163 -16.24 2.54 -8.01
N CYS A 164 -15.40 3.42 -7.48
CA CYS A 164 -15.88 4.72 -7.04
C CYS A 164 -15.12 5.90 -7.63
N TYR A 165 -14.01 5.69 -8.31
CA TYR A 165 -13.20 6.81 -8.76
C TYR A 165 -12.52 6.45 -10.07
N MET A 166 -12.46 7.40 -10.98
CA MET A 166 -11.60 7.32 -12.15
C MET A 166 -10.80 8.59 -12.23
N HIS A 167 -9.52 8.46 -12.51
CA HIS A 167 -8.59 9.58 -12.40
C HIS A 167 -8.57 10.44 -13.65
N HIS A 168 -8.64 11.77 -13.47
CA HIS A 168 -8.60 12.71 -14.58
C HIS A 168 -7.51 13.79 -14.52
N MET A 169 -7.11 14.28 -13.35
CA MET A 169 -6.29 15.50 -13.35
C MET A 169 -5.54 15.73 -12.05
N GLU A 170 -4.49 16.55 -12.15
CA GLU A 170 -3.73 17.00 -10.99
C GLU A 170 -3.90 18.51 -10.89
N LEU A 171 -4.03 18.98 -9.70
CA LEU A 171 -4.14 20.41 -9.43
C LEU A 171 -2.77 21.00 -9.12
N PRO A 172 -2.65 22.32 -9.19
CA PRO A 172 -1.35 22.97 -8.93
C PRO A 172 -0.75 22.65 -7.57
N THR A 173 -1.58 22.36 -6.56
CA THR A 173 -1.04 22.03 -5.25
C THR A 173 -0.51 20.61 -5.17
N GLY A 174 -0.70 19.81 -6.21
CA GLY A 174 -0.22 18.44 -6.22
C GLY A 174 -1.22 17.40 -5.79
N VAL A 175 -2.43 17.81 -5.41
CA VAL A 175 -3.51 16.86 -5.17
C VAL A 175 -4.22 16.58 -6.48
N HIS A 176 -5.21 15.69 -6.43
CA HIS A 176 -5.77 15.09 -7.62
C HIS A 176 -7.28 15.17 -7.64
N ALA A 177 -7.84 15.09 -8.84
CA ALA A 177 -9.28 15.18 -9.03
C ALA A 177 -9.72 14.20 -10.11
N GLY A 178 -10.94 13.72 -9.94
CA GLY A 178 -11.50 12.78 -10.88
C GLY A 178 -12.98 12.61 -10.66
N THR A 179 -13.52 11.56 -11.30
CA THR A 179 -14.94 11.36 -11.38
C THR A 179 -15.34 10.03 -10.77
N ASP A 180 -16.64 9.86 -10.59
CA ASP A 180 -17.18 8.52 -10.36
C ASP A 180 -17.26 7.82 -11.72
N LEU A 181 -17.79 6.60 -11.73
CA LEU A 181 -17.82 5.85 -12.98
C LEU A 181 -19.02 6.17 -13.85
N GLU A 182 -19.86 7.11 -13.40
CA GLU A 182 -20.83 7.76 -14.28
C GLU A 182 -20.25 9.01 -14.91
N GLY A 183 -19.00 9.35 -14.61
CA GLY A 183 -18.35 10.49 -15.21
C GLY A 183 -18.63 11.82 -14.56
N ASN A 184 -19.22 11.84 -13.38
CA ASN A 184 -19.43 13.09 -12.67
C ASN A 184 -18.26 13.36 -11.74
N PHE A 185 -17.68 14.55 -11.84
CA PHE A 185 -16.57 14.91 -10.99
C PHE A 185 -17.00 14.90 -9.53
N TYR A 186 -16.07 14.51 -8.68
CA TYR A 186 -16.10 14.90 -7.29
C TYR A 186 -15.53 16.31 -7.22
N GLY A 187 -16.28 17.22 -6.63
CA GLY A 187 -15.82 18.59 -6.50
C GLY A 187 -16.08 19.48 -7.69
N PRO A 188 -15.64 20.73 -7.56
CA PRO A 188 -15.96 21.76 -8.54
C PRO A 188 -15.02 21.82 -9.74
N PHE A 189 -14.46 20.69 -10.11
CA PHE A 189 -13.41 20.64 -11.13
C PHE A 189 -14.01 20.34 -12.50
N VAL A 190 -13.24 20.64 -13.53
CA VAL A 190 -13.68 20.56 -14.91
C VAL A 190 -12.55 19.96 -15.73
N ASP A 191 -12.91 19.10 -16.69
CA ASP A 191 -11.91 18.44 -17.58
C ASP A 191 -11.47 19.36 -18.71
N ARG A 192 -10.91 20.50 -18.36
CA ARG A 192 -10.25 21.40 -19.29
C ARG A 192 -8.85 21.65 -18.75
N GLN A 193 -7.93 22.02 -19.65
CA GLN A 193 -6.50 22.13 -19.31
C GLN A 193 -6.22 23.51 -18.71
N THR A 194 -6.68 23.67 -17.47
CA THR A 194 -6.48 24.90 -16.71
C THR A 194 -6.04 24.56 -15.29
N ALA A 195 -5.33 25.51 -14.68
CA ALA A 195 -4.95 25.42 -13.27
C ALA A 195 -6.17 25.67 -12.40
N GLN A 196 -6.56 24.67 -11.62
CA GLN A 196 -7.77 24.76 -10.82
C GLN A 196 -7.43 24.58 -9.35
N ALA A 197 -7.98 25.44 -8.53
CA ALA A 197 -7.84 25.36 -7.09
C ALA A 197 -9.07 24.69 -6.49
N ALA A 198 -8.88 24.03 -5.36
CA ALA A 198 -9.94 23.42 -4.59
C ALA A 198 -10.38 24.37 -3.49
N GLY A 199 -11.55 24.08 -2.93
CA GLY A 199 -11.95 24.74 -1.71
C GLY A 199 -11.05 24.36 -0.55
N THR A 200 -11.19 25.10 0.55
CA THR A 200 -10.39 24.83 1.74
C THR A 200 -10.65 23.42 2.24
N ASP A 201 -9.58 22.67 2.48
CA ASP A 201 -9.76 21.33 2.98
C ASP A 201 -9.88 21.37 4.50
N THR A 202 -10.47 20.32 5.02
CA THR A 202 -10.61 20.12 6.45
C THR A 202 -10.19 18.70 6.76
N THR A 203 -9.99 18.45 8.06
CA THR A 203 -9.57 17.14 8.52
C THR A 203 -10.77 16.29 8.90
N ILE A 204 -10.71 15.00 8.55
CA ILE A 204 -11.84 14.09 8.73
C ILE A 204 -11.84 13.59 10.17
N THR A 205 -12.62 14.25 11.03
CA THR A 205 -12.55 14.04 12.48
C THR A 205 -12.88 12.61 12.88
N VAL A 206 -13.94 12.03 12.33
CA VAL A 206 -14.32 10.67 12.70
C VAL A 206 -13.17 9.71 12.42
N ASN A 207 -12.43 9.95 11.35
CA ASN A 207 -11.32 9.08 10.99
C ASN A 207 -10.14 9.27 11.94
N VAL A 208 -9.86 10.52 12.34
CA VAL A 208 -8.81 10.72 13.34
C VAL A 208 -9.16 9.95 14.61
N LEU A 209 -10.41 10.06 15.06
CA LEU A 209 -10.82 9.33 16.25
C LEU A 209 -10.65 7.82 16.06
N ALA A 210 -11.04 7.30 14.90
CA ALA A 210 -10.87 5.88 14.64
C ALA A 210 -9.41 5.47 14.78
N TRP A 211 -8.52 6.31 14.28
CA TRP A 211 -7.10 6.01 14.31
C TRP A 211 -6.54 6.10 15.73
N LEU A 212 -7.03 7.07 16.52
CA LEU A 212 -6.62 7.12 17.92
C LEU A 212 -7.03 5.84 18.65
N TYR A 213 -8.23 5.31 18.35
CA TYR A 213 -8.62 4.00 18.87
C TYR A 213 -7.67 2.91 18.39
N ALA A 214 -7.31 2.91 17.10
CA ALA A 214 -6.33 1.94 16.62
C ALA A 214 -5.05 2.03 17.42
N ALA A 215 -4.62 3.24 17.76
CA ALA A 215 -3.40 3.40 18.53
C ALA A 215 -3.53 2.75 19.90
N VAL A 216 -4.66 2.97 20.56
CA VAL A 216 -4.89 2.37 21.89
C VAL A 216 -4.87 0.85 21.78
N ILE A 217 -5.57 0.31 20.78
CA ILE A 217 -5.55 -1.12 20.53
C ILE A 217 -4.13 -1.64 20.45
N ASN A 218 -3.24 -0.90 19.80
CA ASN A 218 -1.85 -1.33 19.66
C ASN A 218 -0.98 -0.88 20.83
N GLY A 219 -1.60 -0.48 21.94
CA GLY A 219 -0.86 -0.22 23.17
C GLY A 219 -0.29 1.18 23.29
N ASP A 220 -0.67 2.10 22.41
CA ASP A 220 -0.23 3.49 22.44
C ASP A 220 -1.32 4.29 23.15
N ARG A 221 -1.00 4.89 24.31
CA ARG A 221 -2.04 5.64 24.99
C ARG A 221 -1.54 6.90 25.72
N TRP A 222 -0.37 7.41 25.35
CA TRP A 222 0.15 8.60 26.03
C TRP A 222 -0.78 9.80 25.92
N PHE A 223 -1.64 9.85 24.89
CA PHE A 223 -2.48 11.01 24.59
C PHE A 223 -3.82 10.97 25.29
N LEU A 224 -4.17 9.89 25.98
CA LEU A 224 -5.44 9.82 26.70
C LEU A 224 -5.41 10.73 27.92
N ASN A 225 -6.60 11.11 28.39
CA ASN A 225 -6.71 11.94 29.58
C ASN A 225 -7.95 11.53 30.37
N ARG A 226 -8.07 12.09 31.57
CA ARG A 226 -9.14 11.74 32.50
C ARG A 226 -10.41 12.53 32.27
N PHE A 227 -10.46 13.35 31.22
CA PHE A 227 -11.53 14.32 31.05
C PHE A 227 -12.49 13.87 29.95
N THR A 228 -13.59 14.60 29.83
CA THR A 228 -14.59 14.35 28.83
C THR A 228 -15.08 15.69 28.29
N THR A 229 -15.92 15.64 27.26
CA THR A 229 -16.44 16.83 26.62
C THR A 229 -17.84 16.51 26.14
N THR A 230 -18.64 17.55 25.97
CA THR A 230 -19.89 17.34 25.25
C THR A 230 -19.61 17.32 23.75
N LEU A 231 -20.56 16.75 23.01
CA LEU A 231 -20.43 16.70 21.56
C LEU A 231 -20.37 18.11 20.98
N ASN A 232 -21.24 19.00 21.46
CA ASN A 232 -21.23 20.33 20.85
C ASN A 232 -19.98 21.11 21.21
N ASP A 233 -19.52 21.02 22.46
CA ASP A 233 -18.30 21.73 22.82
C ASP A 233 -17.11 21.21 22.02
N PHE A 234 -17.06 19.90 21.80
CA PHE A 234 -16.03 19.35 20.94
C PHE A 234 -16.13 19.93 19.53
N ASN A 235 -17.34 19.94 18.98
CA ASN A 235 -17.52 20.43 17.62
C ASN A 235 -17.14 21.88 17.47
N LEU A 236 -17.37 22.70 18.51
CA LEU A 236 -16.95 24.09 18.43
C LEU A 236 -15.45 24.19 18.25
N VAL A 237 -14.71 23.40 19.04
CA VAL A 237 -13.26 23.41 18.94
C VAL A 237 -12.81 22.81 17.63
N ALA A 238 -13.43 21.70 17.23
CA ALA A 238 -13.09 21.07 15.96
C ALA A 238 -13.18 22.07 14.82
N MET A 239 -14.29 22.80 14.73
CA MET A 239 -14.47 23.73 13.63
CA MET A 239 -14.46 23.71 13.61
C MET A 239 -13.42 24.82 13.65
N LYS A 240 -13.05 25.28 14.85
CA LYS A 240 -12.03 26.29 14.97
C LYS A 240 -10.73 25.83 14.32
N TYR A 241 -10.43 24.54 14.45
CA TYR A 241 -9.19 23.96 13.95
C TYR A 241 -9.34 23.38 12.53
N ASN A 242 -10.40 23.74 11.82
CA ASN A 242 -10.70 23.22 10.47
C ASN A 242 -10.76 21.69 10.46
N TYR A 243 -11.41 21.14 11.47
CA TYR A 243 -11.82 19.75 11.51
C TYR A 243 -13.31 19.68 11.22
N GLU A 244 -13.74 18.62 10.54
CA GLU A 244 -15.14 18.42 10.23
C GLU A 244 -15.93 18.20 11.52
N PRO A 245 -17.20 18.58 11.54
CA PRO A 245 -18.04 18.25 12.69
C PRO A 245 -18.20 16.75 12.83
N LEU A 246 -18.37 16.34 14.08
CA LEU A 246 -18.69 14.97 14.42
C LEU A 246 -20.19 14.89 14.67
N THR A 247 -20.87 14.00 13.95
CA THR A 247 -22.30 13.83 14.11
C THR A 247 -22.59 12.67 15.06
N GLN A 248 -23.84 12.58 15.49
CA GLN A 248 -24.23 11.44 16.31
C GLN A 248 -24.06 10.13 15.54
N ASP A 249 -24.29 10.14 14.23
CA ASP A 249 -24.03 8.94 13.44
C ASP A 249 -22.57 8.52 13.55
N HIS A 250 -21.65 9.49 13.51
CA HIS A 250 -20.24 9.17 13.68
C HIS A 250 -19.99 8.56 15.05
N VAL A 251 -20.58 9.14 16.08
CA VAL A 251 -20.45 8.56 17.43
C VAL A 251 -20.93 7.12 17.43
N ASP A 252 -22.10 6.87 16.83
CA ASP A 252 -22.65 5.51 16.76
C ASP A 252 -21.70 4.57 16.02
N ILE A 253 -21.15 5.05 14.90
CA ILE A 253 -20.25 4.25 14.08
C ILE A 253 -19.00 3.87 14.87
N LEU A 254 -18.58 4.74 15.80
CA LEU A 254 -17.40 4.48 16.61
C LEU A 254 -17.68 3.56 17.79
N GLY A 255 -18.93 3.14 17.98
CA GLY A 255 -19.32 2.33 19.10
C GLY A 255 -18.48 1.08 19.30
N PRO A 256 -18.33 0.27 18.24
CA PRO A 256 -17.57 -0.98 18.41
C PRO A 256 -16.15 -0.75 18.88
N LEU A 257 -15.50 0.30 18.36
CA LEU A 257 -14.15 0.61 18.82
C LEU A 257 -14.19 1.13 20.25
N SER A 258 -15.20 1.92 20.60
CA SER A 258 -15.38 2.36 21.98
C SER A 258 -15.59 1.17 22.91
N ALA A 259 -16.45 0.24 22.51
CA ALA A 259 -16.72 -0.93 23.34
C ALA A 259 -15.47 -1.78 23.50
N GLN A 260 -14.67 -1.88 22.44
CA GLN A 260 -13.51 -2.75 22.47
C GLN A 260 -12.46 -2.26 23.46
N THR A 261 -12.20 -0.95 23.46
CA THR A 261 -11.16 -0.35 24.28
C THR A 261 -11.66 0.15 25.62
N GLY A 262 -12.98 0.21 25.83
CA GLY A 262 -13.51 0.77 27.06
C GLY A 262 -13.38 2.25 27.20
N ILE A 263 -13.20 2.97 26.09
CA ILE A 263 -13.05 4.41 26.10
C ILE A 263 -14.25 5.01 25.39
N ALA A 264 -15.05 5.77 26.14
CA ALA A 264 -16.21 6.41 25.56
C ALA A 264 -15.78 7.33 24.43
N VAL A 265 -16.63 7.42 23.41
CA VAL A 265 -16.34 8.27 22.27
C VAL A 265 -16.04 9.70 22.72
N LEU A 266 -16.86 10.25 23.62
CA LEU A 266 -16.63 11.62 24.03
C LEU A 266 -15.38 11.77 24.90
N ASP A 267 -14.93 10.69 25.54
CA ASP A 267 -13.62 10.74 26.21
C ASP A 267 -12.50 10.82 25.18
N MET A 268 -12.60 10.05 24.09
CA MET A 268 -11.60 10.17 23.04
C MET A 268 -11.67 11.54 22.39
N CYS A 269 -12.86 12.12 22.28
CA CYS A 269 -12.96 13.50 21.77
C CYS A 269 -12.22 14.47 22.67
N ALA A 270 -12.28 14.26 23.99
CA ALA A 270 -11.54 15.11 24.91
C ALA A 270 -10.03 14.93 24.74
N SER A 271 -9.57 13.71 24.45
CA SER A 271 -8.17 13.51 24.13
C SER A 271 -7.79 14.25 22.86
N LEU A 272 -8.62 14.16 21.83
CA LEU A 272 -8.30 14.83 20.58
C LEU A 272 -8.33 16.33 20.75
N LYS A 273 -9.26 16.83 21.55
CA LYS A 273 -9.27 18.26 21.84
C LYS A 273 -7.94 18.70 22.46
N GLU A 274 -7.42 17.90 23.41
CA GLU A 274 -6.14 18.26 24.02
C GLU A 274 -5.02 18.27 22.98
N LEU A 275 -5.03 17.29 22.07
CA LEU A 275 -4.01 17.25 21.03
C LEU A 275 -4.10 18.46 20.11
N LEU A 276 -5.32 18.90 19.79
CA LEU A 276 -5.47 20.06 18.92
C LEU A 276 -4.94 21.31 19.58
N GLN A 277 -5.23 21.49 20.88
CA GLN A 277 -4.88 22.72 21.57
C GLN A 277 -3.43 22.71 22.03
N ASN A 278 -2.87 21.54 22.33
CA ASN A 278 -1.54 21.44 22.92
C ASN A 278 -0.49 20.89 21.96
N GLY A 279 -0.91 20.30 20.85
CA GLY A 279 0.02 19.65 19.97
C GLY A 279 0.47 18.30 20.52
N MET A 280 1.36 17.67 19.77
CA MET A 280 1.93 16.39 20.17
C MET A 280 3.27 16.54 20.87
N ASN A 281 3.87 17.72 20.79
CA ASN A 281 5.09 18.06 21.53
C ASN A 281 6.14 16.94 21.41
N GLY A 282 6.53 16.69 20.16
CA GLY A 282 7.61 15.76 19.88
C GLY A 282 7.17 14.31 19.81
N ARG A 283 6.17 13.94 20.59
CA ARG A 283 5.70 12.57 20.62
C ARG A 283 5.14 12.17 19.25
N THR A 284 4.97 10.87 19.05
CA THR A 284 4.36 10.34 17.84
C THR A 284 3.25 9.36 18.22
N ILE A 285 2.34 9.13 17.28
CA ILE A 285 1.25 8.17 17.46
C ILE A 285 1.30 7.21 16.28
N LEU A 286 1.46 5.93 16.57
CA LEU A 286 1.60 4.91 15.52
C LEU A 286 2.65 5.33 14.50
N GLY A 287 3.76 5.88 15.00
CA GLY A 287 4.86 6.28 14.15
C GLY A 287 4.68 7.62 13.45
N SER A 288 3.50 8.24 13.57
CA SER A 288 3.21 9.46 12.85
C SER A 288 3.35 10.67 13.76
N ALA A 289 4.01 11.72 13.25
CA ALA A 289 4.08 12.99 13.94
C ALA A 289 2.83 13.84 13.72
N LEU A 290 1.96 13.45 12.81
CA LEU A 290 0.72 14.16 12.53
C LEU A 290 -0.47 13.26 12.83
N LEU A 291 -1.61 13.89 13.06
CA LEU A 291 -2.86 13.15 13.23
C LEU A 291 -3.33 12.63 11.88
N GLU A 292 -3.51 11.32 11.78
CA GLU A 292 -3.86 10.66 10.52
C GLU A 292 -5.38 10.59 10.37
N ASP A 293 -5.89 10.98 9.19
CA ASP A 293 -7.34 11.03 8.99
C ASP A 293 -7.82 10.22 7.79
N GLU A 294 -7.02 9.26 7.28
CA GLU A 294 -7.45 8.46 6.15
C GLU A 294 -7.63 6.97 6.51
N PHE A 295 -8.00 6.70 7.76
CA PHE A 295 -8.57 5.41 8.16
C PHE A 295 -9.98 5.66 8.66
N THR A 296 -10.96 4.99 8.07
CA THR A 296 -12.31 5.05 8.59
C THR A 296 -12.47 4.10 9.78
N PRO A 297 -13.55 4.25 10.54
CA PRO A 297 -13.84 3.25 11.58
C PRO A 297 -13.90 1.84 11.02
N PHE A 298 -14.50 1.64 9.85
CA PHE A 298 -14.55 0.30 9.27
C PHE A 298 -13.16 -0.21 8.94
N ASP A 299 -12.29 0.66 8.41
CA ASP A 299 -10.92 0.26 8.08
C ASP A 299 -10.19 -0.25 9.32
N VAL A 300 -10.33 0.48 10.43
CA VAL A 300 -9.70 0.06 11.67
C VAL A 300 -10.23 -1.30 12.10
N VAL A 301 -11.55 -1.48 12.07
CA VAL A 301 -12.14 -2.73 12.52
C VAL A 301 -11.74 -3.88 11.59
N ARG A 302 -11.92 -3.68 10.28
CA ARG A 302 -11.60 -4.73 9.33
C ARG A 302 -10.17 -5.21 9.47
N GLN A 303 -9.26 -4.32 9.88
CA GLN A 303 -7.87 -4.70 10.05
C GLN A 303 -7.58 -5.30 11.41
N CYS A 304 -8.47 -5.09 12.38
CA CYS A 304 -8.37 -5.78 13.67
C CYS A 304 -9.28 -7.01 13.73
N SER A 305 -9.84 -7.44 12.59
CA SER A 305 -10.71 -8.61 12.52
C SER A 305 -10.31 -9.61 11.43
N GLY A 306 -9.44 -9.24 10.50
CA GLY A 306 -8.92 -10.18 9.52
C GLY A 306 -9.88 -10.54 8.40
N VAL A 307 -10.87 -9.70 8.12
CA VAL A 307 -11.81 -10.00 7.05
C VAL A 307 -11.03 -10.19 5.75
N THR A 308 -11.52 -11.11 4.91
CA THR A 308 -10.92 -11.36 3.59
C THR A 308 -11.95 -11.19 2.48
N SER B 5 5.24 15.19 2.60
CA SER B 5 4.12 15.13 1.63
C SER B 5 4.65 14.95 0.20
N GLY B 6 3.79 14.44 -0.68
CA GLY B 6 4.15 14.09 -2.03
C GLY B 6 4.42 12.61 -2.20
N PHE B 7 4.87 11.93 -1.15
CA PHE B 7 5.22 10.52 -1.20
C PHE B 7 4.32 9.73 -0.27
N ARG B 8 4.13 8.47 -0.61
CA ARG B 8 3.32 7.58 0.19
C ARG B 8 3.78 6.17 -0.08
N LYS B 9 3.51 5.30 0.88
CA LYS B 9 3.82 3.90 0.69
C LYS B 9 2.90 3.33 -0.39
N MET B 10 3.51 2.83 -1.46
CA MET B 10 2.81 2.24 -2.59
C MET B 10 3.22 0.79 -2.71
N ALA B 11 2.25 -0.11 -2.68
CA ALA B 11 2.53 -1.52 -2.87
C ALA B 11 2.51 -1.86 -4.36
N PHE B 12 3.13 -2.98 -4.70
CA PHE B 12 2.96 -3.50 -6.05
C PHE B 12 1.57 -4.10 -6.21
N PRO B 13 1.02 -4.07 -7.42
CA PRO B 13 -0.25 -4.76 -7.66
C PRO B 13 -0.12 -6.23 -7.26
N SER B 14 -1.13 -6.73 -6.56
CA SER B 14 -1.00 -8.02 -5.92
C SER B 14 -1.57 -9.18 -6.72
N GLY B 15 -2.14 -8.93 -7.90
CA GLY B 15 -2.85 -9.99 -8.60
C GLY B 15 -2.01 -11.21 -8.90
N LYS B 16 -0.75 -11.01 -9.31
CA LYS B 16 0.07 -12.16 -9.66
C LYS B 16 0.34 -13.04 -8.46
N VAL B 17 0.36 -12.46 -7.25
CA VAL B 17 0.55 -13.24 -6.04
C VAL B 17 -0.77 -13.84 -5.54
N GLU B 18 -1.87 -13.09 -5.69
CA GLU B 18 -3.18 -13.63 -5.30
C GLU B 18 -3.41 -14.96 -6.02
N GLY B 19 -2.99 -15.04 -7.27
CA GLY B 19 -3.19 -16.25 -8.04
C GLY B 19 -2.32 -17.41 -7.62
N CYS B 20 -1.48 -17.23 -6.60
CA CYS B 20 -0.66 -18.30 -6.08
C CYS B 20 -0.99 -18.68 -4.66
N MET B 21 -1.95 -18.03 -4.00
CA MET B 21 -2.22 -18.30 -2.59
C MET B 21 -3.16 -19.48 -2.44
N VAL B 22 -2.79 -20.38 -1.54
CA VAL B 22 -3.60 -21.53 -1.17
C VAL B 22 -3.64 -21.60 0.35
N GLN B 23 -4.44 -22.53 0.87
CA GLN B 23 -4.39 -22.85 2.28
C GLN B 23 -3.85 -24.26 2.48
N VAL B 24 -3.12 -24.44 3.58
CA VAL B 24 -2.55 -25.72 3.95
C VAL B 24 -2.99 -26.00 5.38
N THR B 25 -3.58 -27.18 5.60
CA THR B 25 -4.07 -27.58 6.90
C THR B 25 -3.48 -28.91 7.30
N CYS B 26 -3.08 -28.98 8.56
CA CYS B 26 -2.67 -30.26 9.19
C CYS B 26 -3.49 -30.32 10.47
N GLY B 27 -4.40 -31.28 10.58
CA GLY B 27 -5.31 -31.35 11.71
C GLY B 27 -6.28 -30.19 11.68
N THR B 28 -6.21 -29.36 12.70
CA THR B 28 -7.04 -28.15 12.79
C THR B 28 -6.24 -26.89 12.55
N THR B 29 -4.95 -27.00 12.28
CA THR B 29 -4.10 -25.84 12.02
C THR B 29 -4.11 -25.53 10.54
N THR B 30 -4.59 -24.34 10.17
CA THR B 30 -4.60 -23.88 8.79
C THR B 30 -3.71 -22.65 8.69
N LEU B 31 -2.79 -22.66 7.73
CA LEU B 31 -2.11 -21.42 7.37
C LEU B 31 -2.10 -21.32 5.85
N ASN B 32 -1.42 -20.31 5.34
CA ASN B 32 -1.38 -20.06 3.91
C ASN B 32 -0.15 -20.71 3.32
N GLY B 33 -0.26 -21.04 2.03
CA GLY B 33 0.87 -21.52 1.25
C GLY B 33 0.93 -20.82 -0.09
N LEU B 34 2.08 -20.99 -0.74
CA LEU B 34 2.36 -20.37 -2.03
C LEU B 34 2.53 -21.47 -3.06
N TRP B 35 1.68 -21.45 -4.07
CA TRP B 35 1.59 -22.50 -5.09
C TRP B 35 2.25 -21.99 -6.37
N LEU B 36 3.41 -22.55 -6.71
CA LEU B 36 4.16 -22.15 -7.90
C LEU B 36 4.53 -23.41 -8.66
N ASP B 37 4.16 -23.48 -9.93
CA ASP B 37 4.36 -24.71 -10.69
C ASP B 37 3.65 -25.82 -9.89
N ASP B 38 4.31 -26.95 -9.64
CA ASP B 38 3.68 -28.06 -8.92
C ASP B 38 4.19 -28.20 -7.50
N VAL B 39 4.59 -27.10 -6.86
CA VAL B 39 5.02 -27.10 -5.47
C VAL B 39 4.26 -26.05 -4.68
N VAL B 40 3.86 -26.42 -3.47
CA VAL B 40 3.32 -25.49 -2.48
C VAL B 40 4.33 -25.31 -1.35
N TYR B 41 4.66 -24.05 -1.06
CA TYR B 41 5.61 -23.68 -0.02
C TYR B 41 4.83 -23.12 1.16
N CYS B 42 5.13 -23.56 2.38
CA CYS B 42 4.48 -22.99 3.54
C CYS B 42 5.36 -23.11 4.76
N PRO B 43 5.04 -22.42 5.86
CA PRO B 43 5.83 -22.58 7.08
C PRO B 43 5.73 -23.99 7.65
N ARG B 44 6.86 -24.52 8.10
CA ARG B 44 6.85 -25.89 8.58
C ARG B 44 6.07 -26.04 9.87
N HIS B 45 5.82 -24.97 10.62
CA HIS B 45 5.10 -25.14 11.87
C HIS B 45 3.63 -25.52 11.66
N VAL B 46 3.14 -25.60 10.42
CA VAL B 46 1.82 -26.17 10.20
C VAL B 46 1.71 -27.58 10.77
N ILE B 47 2.83 -28.30 10.92
CA ILE B 47 2.78 -29.68 11.41
C ILE B 47 2.74 -29.76 12.92
N CYS B 48 2.78 -28.63 13.61
CA CYS B 48 2.84 -28.63 15.06
C CYS B 48 1.46 -28.54 15.67
N THR B 49 1.27 -29.24 16.78
CA THR B 49 0.15 -28.95 17.66
C THR B 49 0.55 -27.84 18.61
N SER B 50 -0.42 -27.39 19.41
CA SER B 50 -0.11 -26.38 20.43
C SER B 50 1.07 -26.80 21.29
N GLU B 51 1.14 -28.10 21.63
CA GLU B 51 2.16 -28.59 22.55
C GLU B 51 3.52 -28.69 21.89
N ASP B 52 3.57 -29.03 20.60
CA ASP B 52 4.84 -29.18 19.91
C ASP B 52 5.59 -27.87 19.80
N MET B 53 4.96 -26.74 20.11
CA MET B 53 5.45 -25.46 19.66
C MET B 53 6.55 -24.84 20.53
N LEU B 54 6.71 -25.24 21.79
CA LEU B 54 7.79 -24.64 22.59
C LEU B 54 9.15 -25.16 22.13
N ASN B 55 9.28 -26.48 21.96
CA ASN B 55 10.54 -27.13 21.61
C ASN B 55 10.27 -28.19 20.55
N PRO B 56 9.70 -27.79 19.41
CA PRO B 56 9.33 -28.78 18.40
C PRO B 56 10.56 -29.50 17.87
N ASN B 57 10.43 -30.83 17.74
CA ASN B 57 11.41 -31.62 17.01
C ASN B 57 10.81 -31.81 15.61
N TYR B 58 11.18 -30.90 14.71
CA TYR B 58 10.55 -30.88 13.40
C TYR B 58 10.88 -32.13 12.60
N GLU B 59 12.10 -32.63 12.71
CA GLU B 59 12.46 -33.85 11.99
C GLU B 59 11.59 -35.03 12.41
N ASP B 60 11.33 -35.15 13.72
CA ASP B 60 10.54 -36.28 14.21
C ASP B 60 9.06 -36.06 13.90
N LEU B 61 8.58 -34.83 14.06
CA LEU B 61 7.20 -34.54 13.70
C LEU B 61 6.95 -34.88 12.23
N LEU B 62 7.89 -34.54 11.35
CA LEU B 62 7.69 -34.73 9.92
C LEU B 62 7.73 -36.20 9.55
N ILE B 63 8.59 -36.99 10.23
CA ILE B 63 8.68 -38.41 9.90
C ILE B 63 7.35 -39.11 10.17
N ARG B 64 6.57 -38.60 11.13
CA ARG B 64 5.27 -39.20 11.39
C ARG B 64 4.21 -38.77 10.41
N LYS B 65 4.47 -37.76 9.57
CA LYS B 65 3.52 -37.31 8.59
C LYS B 65 3.67 -38.07 7.29
N SER B 66 2.56 -38.17 6.56
CA SER B 66 2.51 -38.70 5.20
C SER B 66 1.84 -37.69 4.29
N ASN B 67 1.96 -37.92 2.99
CA ASN B 67 1.32 -37.01 2.03
C ASN B 67 -0.16 -36.84 2.34
N HIS B 68 -0.84 -37.92 2.71
CA HIS B 68 -2.28 -37.87 2.92
C HIS B 68 -2.69 -37.14 4.19
N ASN B 69 -1.74 -36.66 5.01
CA ASN B 69 -2.09 -35.85 6.17
C ASN B 69 -2.20 -34.36 5.86
N PHE B 70 -1.81 -33.93 4.65
CA PHE B 70 -1.81 -32.51 4.32
C PHE B 70 -3.01 -32.18 3.46
N LEU B 71 -3.83 -31.24 3.91
CA LEU B 71 -4.98 -30.75 3.15
C LEU B 71 -4.58 -29.43 2.53
N VAL B 72 -4.38 -29.43 1.22
CA VAL B 72 -4.06 -28.21 0.49
C VAL B 72 -5.28 -27.85 -0.34
N GLN B 73 -5.69 -26.59 -0.27
CA GLN B 73 -6.90 -26.17 -0.98
C GLN B 73 -6.67 -24.82 -1.63
N ALA B 74 -7.14 -24.70 -2.87
CA ALA B 74 -7.25 -23.40 -3.54
C ALA B 74 -8.73 -23.06 -3.49
N GLY B 75 -9.08 -22.08 -2.69
CA GLY B 75 -10.48 -21.93 -2.34
C GLY B 75 -10.91 -23.20 -1.61
N ASN B 76 -12.03 -23.78 -2.04
CA ASN B 76 -12.51 -25.03 -1.49
C ASN B 76 -12.13 -26.24 -2.32
N VAL B 77 -11.27 -26.07 -3.32
CA VAL B 77 -10.89 -27.19 -4.18
C VAL B 77 -9.59 -27.78 -3.67
N GLN B 78 -9.63 -29.07 -3.34
CA GLN B 78 -8.45 -29.73 -2.80
C GLN B 78 -7.42 -30.00 -3.91
N LEU B 79 -6.16 -29.81 -3.55
CA LEU B 79 -5.00 -30.05 -4.40
C LEU B 79 -4.26 -31.25 -3.79
N ARG B 80 -4.16 -32.35 -4.53
CA ARG B 80 -3.59 -33.57 -4.00
C ARG B 80 -2.09 -33.46 -3.83
N VAL B 81 -1.60 -33.85 -2.65
CA VAL B 81 -0.17 -33.85 -2.33
C VAL B 81 0.42 -35.19 -2.72
N ILE B 82 1.53 -35.14 -3.46
CA ILE B 82 2.21 -36.33 -3.95
C ILE B 82 3.64 -36.45 -3.45
N GLY B 83 4.11 -35.50 -2.65
CA GLY B 83 5.41 -35.59 -2.03
C GLY B 83 5.55 -34.47 -1.02
N HIS B 84 6.51 -34.65 -0.11
CA HIS B 84 6.75 -33.59 0.85
C HIS B 84 8.19 -33.64 1.30
N SER B 85 8.73 -32.46 1.61
CA SER B 85 10.07 -32.35 2.15
C SER B 85 10.15 -31.05 2.92
N MET B 86 11.18 -30.95 3.74
CA MET B 86 11.45 -29.77 4.55
C MET B 86 12.76 -29.16 4.07
N GLN B 87 12.76 -27.84 3.88
CA GLN B 87 13.97 -27.09 3.54
C GLN B 87 14.07 -25.97 4.57
N ASN B 88 15.04 -26.10 5.48
CA ASN B 88 15.16 -25.15 6.59
C ASN B 88 13.79 -25.03 7.29
N CYS B 89 13.17 -23.85 7.33
CA CYS B 89 11.93 -23.69 8.07
C CYS B 89 10.70 -23.69 7.18
N VAL B 90 10.83 -24.13 5.94
CA VAL B 90 9.67 -24.22 5.05
CA VAL B 90 9.70 -24.21 5.00
C VAL B 90 9.44 -25.67 4.65
N LEU B 91 8.15 -25.95 4.52
CA LEU B 91 7.70 -27.24 3.95
C LEU B 91 7.41 -27.07 2.46
N LYS B 92 7.89 -28.00 1.65
CA LYS B 92 7.60 -28.02 0.23
C LYS B 92 6.72 -29.23 -0.04
N LEU B 93 5.50 -28.97 -0.49
CA LEU B 93 4.53 -30.02 -0.78
C LEU B 93 4.43 -30.13 -2.29
N LYS B 94 4.87 -31.25 -2.85
CA LYS B 94 4.69 -31.48 -4.28
C LYS B 94 3.23 -31.84 -4.50
N VAL B 95 2.58 -31.22 -5.48
CA VAL B 95 1.18 -31.44 -5.77
C VAL B 95 1.04 -31.95 -7.20
N ASP B 96 -0.14 -32.50 -7.50
CA ASP B 96 -0.33 -33.16 -8.78
C ASP B 96 -0.77 -32.23 -9.89
N THR B 97 -0.83 -30.93 -9.63
CA THR B 97 -1.33 -29.96 -10.61
C THR B 97 -0.39 -28.77 -10.62
N ALA B 98 0.04 -28.37 -11.81
CA ALA B 98 0.83 -27.16 -11.96
C ALA B 98 -0.10 -25.97 -11.94
N ASN B 99 0.22 -24.97 -11.12
CA ASN B 99 -0.65 -23.80 -11.00
C ASN B 99 -0.70 -23.06 -12.32
N PRO B 100 -1.86 -22.98 -12.99
CA PRO B 100 -1.92 -22.29 -14.28
C PRO B 100 -1.67 -20.80 -14.18
N LYS B 101 -1.77 -20.22 -12.99
CA LYS B 101 -1.53 -18.80 -12.78
C LYS B 101 -0.10 -18.52 -12.31
N THR B 102 0.80 -19.51 -12.37
CA THR B 102 2.18 -19.27 -11.94
C THR B 102 2.77 -18.13 -12.77
N PRO B 103 3.23 -17.05 -12.15
CA PRO B 103 3.90 -16.00 -12.92
C PRO B 103 5.36 -16.36 -13.15
N LYS B 104 6.02 -15.56 -13.97
CA LYS B 104 7.48 -15.59 -13.93
C LYS B 104 7.90 -15.19 -12.51
N TYR B 105 8.84 -15.94 -11.93
CA TYR B 105 9.18 -15.66 -10.54
C TYR B 105 10.63 -16.05 -10.23
N LYS B 106 11.13 -15.48 -9.14
CA LYS B 106 12.38 -15.88 -8.53
C LYS B 106 12.24 -15.76 -7.02
N PHE B 107 13.13 -16.44 -6.32
CA PHE B 107 13.23 -16.36 -4.87
C PHE B 107 14.47 -15.52 -4.59
N VAL B 108 14.31 -14.45 -3.83
CA VAL B 108 15.42 -13.57 -3.50
C VAL B 108 15.46 -13.38 -1.99
N ARG B 109 16.67 -13.21 -1.47
CA ARG B 109 16.88 -12.89 -0.07
C ARG B 109 17.28 -11.42 -0.01
N ILE B 110 16.46 -10.60 0.64
CA ILE B 110 16.69 -9.17 0.63
C ILE B 110 17.60 -8.75 1.77
N GLN B 111 18.11 -7.54 1.67
CA GLN B 111 18.96 -6.93 2.68
C GLN B 111 18.13 -5.98 3.55
N PRO B 112 18.57 -5.74 4.79
CA PRO B 112 17.91 -4.72 5.61
C PRO B 112 17.83 -3.41 4.87
N GLY B 113 16.70 -2.70 5.06
CA GLY B 113 16.41 -1.48 4.36
C GLY B 113 15.56 -1.67 3.13
N GLN B 114 15.62 -2.84 2.50
CA GLN B 114 14.81 -3.07 1.31
C GLN B 114 13.35 -3.15 1.70
N THR B 115 12.51 -2.64 0.81
CA THR B 115 11.07 -2.68 1.00
C THR B 115 10.48 -3.74 0.09
N PHE B 116 9.28 -4.15 0.44
CA PHE B 116 8.55 -5.14 -0.31
C PHE B 116 7.08 -5.02 0.06
N SER B 117 6.26 -5.59 -0.80
CA SER B 117 4.83 -5.61 -0.58
C SER B 117 4.46 -6.91 0.10
N VAL B 118 3.56 -6.80 1.07
CA VAL B 118 3.01 -7.96 1.77
C VAL B 118 1.56 -8.13 1.36
N LEU B 119 1.18 -9.34 0.97
CA LEU B 119 -0.22 -9.67 0.73
C LEU B 119 -0.69 -10.47 1.94
N ALA B 120 -1.34 -9.80 2.88
CA ALA B 120 -1.80 -10.46 4.08
C ALA B 120 -2.99 -11.35 3.73
N CYS B 121 -2.93 -12.62 4.12
CA CYS B 121 -3.90 -13.62 3.73
CA CYS B 121 -3.87 -13.63 3.72
C CYS B 121 -4.33 -14.42 4.94
N TYR B 122 -5.57 -14.90 4.90
CA TYR B 122 -6.13 -15.77 5.93
C TYR B 122 -6.92 -16.87 5.23
N ASN B 123 -6.65 -18.12 5.59
CA ASN B 123 -7.32 -19.25 4.95
C ASN B 123 -7.17 -19.22 3.45
N GLY B 124 -6.00 -18.78 2.98
CA GLY B 124 -5.72 -18.76 1.57
C GLY B 124 -6.37 -17.63 0.81
N SER B 125 -7.06 -16.71 1.50
CA SER B 125 -7.79 -15.59 0.88
C SER B 125 -7.13 -14.27 1.23
N PRO B 126 -6.79 -13.47 0.23
CA PRO B 126 -6.12 -12.20 0.53
C PRO B 126 -7.04 -11.19 1.19
N SER B 127 -6.49 -10.51 2.21
CA SER B 127 -7.23 -9.46 2.87
C SER B 127 -6.75 -8.06 2.53
N GLY B 128 -5.47 -7.89 2.23
CA GLY B 128 -4.95 -6.54 2.01
C GLY B 128 -3.50 -6.59 1.58
N VAL B 129 -3.03 -5.48 1.03
CA VAL B 129 -1.67 -5.37 0.56
CA VAL B 129 -1.68 -5.36 0.52
C VAL B 129 -1.07 -4.07 1.06
N TYR B 130 0.19 -4.13 1.50
CA TYR B 130 0.84 -2.95 2.05
C TYR B 130 2.34 -3.12 1.94
N GLN B 131 3.05 -2.01 2.01
CA GLN B 131 4.49 -2.03 1.89
C GLN B 131 5.13 -2.12 3.27
N CYS B 132 6.18 -2.92 3.37
CA CYS B 132 6.97 -3.10 4.58
C CYS B 132 8.43 -2.83 4.24
N ALA B 133 9.20 -2.39 5.23
CA ALA B 133 10.65 -2.31 5.13
C ALA B 133 11.27 -3.33 6.09
N MET B 134 12.26 -4.08 5.62
CA MET B 134 13.05 -4.93 6.49
C MET B 134 13.94 -4.05 7.35
N ARG B 135 13.72 -4.07 8.67
CA ARG B 135 14.51 -3.23 9.56
C ARG B 135 15.91 -3.81 9.71
N PRO B 136 16.86 -2.99 10.15
CA PRO B 136 18.22 -3.49 10.38
C PRO B 136 18.30 -4.62 11.40
N ASN B 137 17.35 -4.72 12.33
CA ASN B 137 17.30 -5.84 13.25
C ASN B 137 16.52 -7.04 12.71
N PHE B 138 16.22 -7.03 11.40
CA PHE B 138 15.63 -8.17 10.70
C PHE B 138 14.21 -8.47 11.16
N THR B 139 13.47 -7.46 11.56
CA THR B 139 12.04 -7.54 11.80
C THR B 139 11.32 -6.63 10.81
N ILE B 140 10.02 -6.86 10.64
CA ILE B 140 9.16 -5.94 9.90
C ILE B 140 8.02 -5.49 10.80
N LYS B 141 7.51 -4.29 10.51
CA LYS B 141 6.33 -3.75 11.18
C LYS B 141 5.13 -4.07 10.30
N GLY B 142 4.64 -5.30 10.46
CA GLY B 142 3.51 -5.76 9.70
C GLY B 142 2.20 -5.51 10.39
N SER B 143 1.14 -6.00 9.74
CA SER B 143 -0.20 -6.05 10.31
C SER B 143 -0.61 -7.49 10.05
N PHE B 144 -0.37 -8.32 11.03
CA PHE B 144 -0.60 -9.76 10.93
C PHE B 144 -1.35 -10.24 12.16
N LEU B 145 -2.38 -11.03 11.93
CA LEU B 145 -3.19 -11.64 12.96
C LEU B 145 -2.98 -13.16 12.95
N ASN B 146 -3.63 -13.84 13.90
CA ASN B 146 -3.68 -15.30 13.84
C ASN B 146 -4.16 -15.74 12.46
N GLY B 147 -3.49 -16.76 11.94
CA GLY B 147 -3.82 -17.33 10.64
C GLY B 147 -3.08 -16.73 9.48
N SER B 148 -2.26 -15.71 9.72
CA SER B 148 -1.58 -15.00 8.65
C SER B 148 -0.31 -15.68 8.19
N CYS B 149 0.19 -16.67 8.93
CA CYS B 149 1.44 -17.28 8.53
C CYS B 149 1.35 -17.88 7.13
N GLY B 150 2.48 -17.80 6.43
CA GLY B 150 2.52 -18.17 5.04
C GLY B 150 2.19 -17.07 4.07
N SER B 151 1.63 -15.95 4.54
CA SER B 151 1.56 -14.75 3.73
C SER B 151 2.96 -14.39 3.29
N VAL B 152 3.08 -13.85 2.08
CA VAL B 152 4.38 -13.58 1.49
C VAL B 152 4.59 -12.10 1.20
N GLY B 153 5.87 -11.74 1.15
CA GLY B 153 6.34 -10.46 0.69
C GLY B 153 7.03 -10.61 -0.65
N PHE B 154 6.94 -9.58 -1.48
CA PHE B 154 7.44 -9.68 -2.85
C PHE B 154 7.69 -8.29 -3.41
N ASN B 155 8.46 -8.28 -4.49
CA ASN B 155 8.60 -7.15 -5.38
C ASN B 155 8.33 -7.63 -6.81
N ILE B 156 7.95 -6.73 -7.71
CA ILE B 156 7.70 -7.08 -9.09
C ILE B 156 8.57 -6.21 -9.96
N ASP B 157 9.33 -6.83 -10.87
CA ASP B 157 10.15 -6.13 -11.83
C ASP B 157 9.78 -6.66 -13.21
N TYR B 158 9.27 -5.80 -14.08
CA TYR B 158 8.79 -6.22 -15.40
C TYR B 158 7.78 -7.34 -15.17
N ASP B 159 7.94 -8.52 -15.76
CA ASP B 159 6.93 -9.55 -15.62
C ASP B 159 7.15 -10.45 -14.41
N CYS B 160 8.19 -10.20 -13.63
CA CYS B 160 8.75 -11.20 -12.73
C CYS B 160 8.51 -10.84 -11.28
N VAL B 161 7.92 -11.77 -10.55
CA VAL B 161 7.68 -11.61 -9.12
C VAL B 161 8.88 -12.17 -8.38
N SER B 162 9.56 -11.32 -7.59
CA SER B 162 10.65 -11.74 -6.71
C SER B 162 10.07 -11.92 -5.32
N PHE B 163 9.91 -13.17 -4.89
CA PHE B 163 9.40 -13.45 -3.56
C PHE B 163 10.57 -13.38 -2.59
N CYS B 164 10.38 -12.63 -1.50
CA CYS B 164 11.46 -12.42 -0.56
C CYS B 164 11.11 -12.73 0.88
N TYR B 165 9.84 -12.90 1.23
CA TYR B 165 9.48 -13.05 2.64
C TYR B 165 8.30 -14.01 2.76
N MET B 166 8.33 -14.85 3.79
CA MET B 166 7.19 -15.64 4.19
C MET B 166 7.02 -15.46 5.70
N HIS B 167 5.78 -15.21 6.12
CA HIS B 167 5.55 -14.82 7.50
C HIS B 167 5.46 -16.03 8.45
N HIS B 168 6.14 -15.93 9.60
CA HIS B 168 6.15 -17.01 10.58
C HIS B 168 5.72 -16.61 11.98
N MET B 169 6.04 -15.41 12.47
CA MET B 169 5.81 -15.15 13.89
C MET B 169 5.80 -13.68 14.25
N GLU B 170 5.25 -13.42 15.43
CA GLU B 170 5.22 -12.09 16.04
C GLU B 170 6.05 -12.10 17.32
N LEU B 171 6.91 -11.12 17.46
CA LEU B 171 7.76 -10.99 18.63
C LEU B 171 7.03 -10.24 19.73
N PRO B 172 7.54 -10.28 20.96
CA PRO B 172 6.84 -9.65 22.09
C PRO B 172 6.57 -8.17 21.90
N THR B 173 7.41 -7.45 21.16
CA THR B 173 7.19 -6.03 20.93
C THR B 173 6.14 -5.77 19.85
N GLY B 174 5.60 -6.81 19.22
CA GLY B 174 4.56 -6.62 18.21
C GLY B 174 5.07 -6.51 16.79
N VAL B 175 6.38 -6.56 16.58
CA VAL B 175 6.96 -6.63 15.23
C VAL B 175 7.02 -8.09 14.79
N HIS B 176 7.40 -8.31 13.53
CA HIS B 176 7.18 -9.59 12.88
C HIS B 176 8.47 -10.16 12.32
N ALA B 177 8.52 -11.48 12.25
CA ALA B 177 9.70 -12.20 11.81
C ALA B 177 9.32 -13.33 10.87
N GLY B 178 10.21 -13.61 9.94
CA GLY B 178 9.94 -14.67 8.98
C GLY B 178 11.18 -15.05 8.20
N THR B 179 10.95 -15.80 7.12
CA THR B 179 12.01 -16.41 6.35
C THR B 179 11.97 -15.90 4.92
N ASP B 180 13.03 -16.20 4.18
CA ASP B 180 12.96 -16.16 2.72
C ASP B 180 12.23 -17.42 2.24
N LEU B 181 12.12 -17.58 0.92
CA LEU B 181 11.37 -18.71 0.40
C LEU B 181 12.18 -20.01 0.34
N GLU B 182 13.45 -19.96 0.73
CA GLU B 182 14.24 -21.15 1.01
C GLU B 182 14.18 -21.52 2.49
N GLY B 183 13.36 -20.81 3.26
CA GLY B 183 13.12 -21.18 4.65
C GLY B 183 14.15 -20.71 5.65
N ASN B 184 15.06 -19.82 5.26
CA ASN B 184 16.07 -19.29 6.18
C ASN B 184 15.52 -18.02 6.81
N PHE B 185 15.44 -18.01 8.14
CA PHE B 185 14.96 -16.81 8.83
C PHE B 185 15.84 -15.61 8.48
N TYR B 186 15.19 -14.46 8.35
CA TYR B 186 15.90 -13.19 8.46
C TYR B 186 16.20 -12.97 9.93
N GLY B 187 17.47 -12.66 10.25
CA GLY B 187 17.85 -12.43 11.61
C GLY B 187 18.11 -13.71 12.36
N PRO B 188 18.24 -13.60 13.68
CA PRO B 188 18.62 -14.75 14.50
C PRO B 188 17.47 -15.63 14.98
N PHE B 189 16.24 -15.38 14.53
CA PHE B 189 15.04 -15.97 15.11
C PHE B 189 14.87 -17.43 14.69
N VAL B 190 14.08 -18.15 15.49
CA VAL B 190 13.77 -19.56 15.28
C VAL B 190 12.27 -19.77 15.41
N ASP B 191 11.74 -20.78 14.70
CA ASP B 191 10.28 -21.03 14.68
C ASP B 191 9.89 -21.94 15.84
N ARG B 192 9.91 -21.33 17.02
CA ARG B 192 9.51 -21.95 18.27
C ARG B 192 8.80 -20.90 19.11
N GLN B 193 7.83 -21.37 19.90
CA GLN B 193 6.96 -20.51 20.70
C GLN B 193 7.67 -20.19 22.01
N THR B 194 8.90 -19.69 21.91
CA THR B 194 9.77 -19.40 23.03
C THR B 194 9.97 -17.90 23.17
N ALA B 195 10.71 -17.51 24.21
CA ALA B 195 11.05 -16.10 24.46
C ALA B 195 12.14 -15.67 23.50
N GLN B 196 11.82 -14.74 22.62
CA GLN B 196 12.79 -14.16 21.70
C GLN B 196 12.55 -12.65 21.65
N ALA B 197 13.62 -11.90 21.46
CA ALA B 197 13.56 -10.46 21.42
C ALA B 197 14.33 -9.97 20.20
N ALA B 198 13.81 -8.92 19.58
CA ALA B 198 14.53 -8.27 18.51
C ALA B 198 15.69 -7.46 19.09
N GLY B 199 16.76 -7.34 18.32
CA GLY B 199 17.81 -6.42 18.70
C GLY B 199 17.33 -4.99 18.66
N THR B 200 18.06 -4.11 19.34
CA THR B 200 17.75 -2.70 19.28
C THR B 200 17.79 -2.27 17.83
N ASP B 201 16.76 -1.57 17.40
CA ASP B 201 16.74 -1.19 16.01
C ASP B 201 17.52 0.10 15.77
N THR B 202 17.83 0.34 14.51
CA THR B 202 18.57 1.52 14.08
C THR B 202 17.87 2.11 12.86
N THR B 203 18.26 3.33 12.52
CA THR B 203 17.69 4.03 11.38
C THR B 203 18.37 3.58 10.10
N ILE B 204 17.56 3.41 9.05
CA ILE B 204 18.07 2.90 7.77
C ILE B 204 18.68 4.05 6.97
N THR B 205 19.98 4.24 7.14
CA THR B 205 20.69 5.37 6.56
C THR B 205 20.53 5.48 5.06
N VAL B 206 20.64 4.35 4.34
CA VAL B 206 20.56 4.43 2.88
C VAL B 206 19.22 5.02 2.45
N ASN B 207 18.16 4.70 3.19
CA ASN B 207 16.84 5.19 2.82
C ASN B 207 16.66 6.66 3.21
N VAL B 208 17.25 7.09 4.33
CA VAL B 208 17.25 8.51 4.65
C VAL B 208 17.97 9.29 3.57
N LEU B 209 19.10 8.77 3.10
CA LEU B 209 19.77 9.42 1.97
C LEU B 209 18.87 9.48 0.75
N ALA B 210 18.17 8.39 0.43
CA ALA B 210 17.25 8.41 -0.70
C ALA B 210 16.21 9.51 -0.53
N TRP B 211 15.72 9.67 0.70
CA TRP B 211 14.74 10.70 1.03
C TRP B 211 15.30 12.10 0.81
N LEU B 212 16.55 12.31 1.21
CA LEU B 212 17.19 13.60 0.97
C LEU B 212 17.33 13.87 -0.52
N TYR B 213 17.70 12.84 -1.30
CA TYR B 213 17.72 12.99 -2.75
C TYR B 213 16.34 13.33 -3.30
N ALA B 214 15.28 12.66 -2.80
CA ALA B 214 13.93 13.00 -3.20
C ALA B 214 13.61 14.46 -2.93
N ALA B 215 14.04 14.95 -1.77
CA ALA B 215 13.81 16.36 -1.43
C ALA B 215 14.49 17.27 -2.43
N VAL B 216 15.73 16.96 -2.80
CA VAL B 216 16.44 17.76 -3.78
C VAL B 216 15.72 17.75 -5.11
N ILE B 217 15.27 16.57 -5.56
CA ILE B 217 14.56 16.44 -6.83
C ILE B 217 13.36 17.38 -6.85
N ASN B 218 12.72 17.55 -5.70
CA ASN B 218 11.57 18.40 -5.52
C ASN B 218 11.90 19.86 -5.18
N GLY B 219 13.16 20.24 -5.29
CA GLY B 219 13.56 21.63 -5.07
C GLY B 219 13.78 22.04 -3.63
N ASP B 220 13.81 21.10 -2.70
CA ASP B 220 13.95 21.38 -1.28
C ASP B 220 15.38 20.98 -0.94
N ARG B 221 16.29 21.95 -0.91
CA ARG B 221 17.71 21.64 -0.89
C ARG B 221 18.52 22.51 0.08
N TRP B 222 17.87 23.09 1.10
CA TRP B 222 18.57 24.00 2.01
C TRP B 222 19.69 23.31 2.78
N PHE B 223 19.60 21.99 2.95
CA PHE B 223 20.54 21.22 3.76
C PHE B 223 21.80 20.80 3.01
N LEU B 224 21.92 21.11 1.73
CA LEU B 224 23.14 20.77 1.00
C LEU B 224 24.26 21.70 1.46
N ASN B 225 25.45 21.14 1.66
CA ASN B 225 26.61 21.93 2.09
C ASN B 225 27.76 21.77 1.09
N ARG B 226 28.85 22.49 1.34
CA ARG B 226 30.00 22.54 0.43
C ARG B 226 31.05 21.49 0.76
N PHE B 227 30.70 20.51 1.58
CA PHE B 227 31.69 19.61 2.16
C PHE B 227 31.43 18.17 1.72
N THR B 228 32.41 17.33 2.03
CA THR B 228 32.31 15.91 1.77
C THR B 228 32.88 15.16 2.96
N THR B 229 32.87 13.84 2.86
CA THR B 229 33.35 12.96 3.92
C THR B 229 33.85 11.70 3.26
N THR B 230 34.66 10.95 3.99
CA THR B 230 34.91 9.59 3.58
C THR B 230 33.77 8.71 4.09
N LEU B 231 33.65 7.54 3.49
CA LEU B 231 32.63 6.61 3.93
C LEU B 231 32.89 6.14 5.36
N ASN B 232 34.14 5.84 5.70
CA ASN B 232 34.45 5.40 7.06
C ASN B 232 34.13 6.49 8.09
N ASP B 233 34.54 7.73 7.82
CA ASP B 233 34.26 8.77 8.81
C ASP B 233 32.75 8.94 9.00
N PHE B 234 32.00 8.91 7.90
CA PHE B 234 30.54 8.99 8.02
C PHE B 234 29.98 7.85 8.86
N ASN B 235 30.42 6.62 8.58
CA ASN B 235 29.87 5.47 9.28
C ASN B 235 30.13 5.55 10.77
N LEU B 236 31.33 6.03 11.16
CA LEU B 236 31.62 6.15 12.58
C LEU B 236 30.73 7.18 13.25
N VAL B 237 30.46 8.30 12.57
CA VAL B 237 29.54 9.29 13.13
C VAL B 237 28.12 8.75 13.17
N ALA B 238 27.68 8.14 12.07
CA ALA B 238 26.31 7.63 11.98
C ALA B 238 25.99 6.72 13.15
N MET B 239 26.92 5.83 13.50
CA MET B 239 26.64 4.90 14.59
C MET B 239 26.39 5.61 15.90
N LYS B 240 26.96 6.81 16.09
CA LYS B 240 26.74 7.51 17.35
C LYS B 240 25.33 8.05 17.46
N TYR B 241 24.61 8.12 16.34
CA TYR B 241 23.23 8.60 16.28
C TYR B 241 22.26 7.47 16.03
N ASN B 242 22.70 6.24 16.22
CA ASN B 242 21.87 5.05 16.03
C ASN B 242 21.41 4.91 14.58
N TYR B 243 22.24 5.33 13.65
CA TYR B 243 22.03 5.12 12.23
C TYR B 243 22.91 3.96 11.79
N GLU B 244 22.40 3.19 10.85
CA GLU B 244 23.18 2.09 10.30
C GLU B 244 24.40 2.59 9.52
N PRO B 245 25.51 1.88 9.57
CA PRO B 245 26.60 2.17 8.65
C PRO B 245 26.20 1.81 7.23
N LEU B 246 26.74 2.56 6.28
CA LEU B 246 26.54 2.25 4.89
C LEU B 246 27.46 1.14 4.45
N THR B 247 26.98 0.31 3.52
CA THR B 247 27.77 -0.67 2.83
C THR B 247 28.10 -0.15 1.42
N GLN B 248 29.00 -0.86 0.75
CA GLN B 248 29.27 -0.53 -0.64
C GLN B 248 28.02 -0.70 -1.50
N ASP B 249 27.23 -1.74 -1.22
CA ASP B 249 26.01 -1.92 -1.98
C ASP B 249 25.06 -0.73 -1.82
N HIS B 250 25.02 -0.14 -0.62
CA HIS B 250 24.20 1.05 -0.40
C HIS B 250 24.69 2.20 -1.26
N VAL B 251 26.00 2.42 -1.30
CA VAL B 251 26.53 3.47 -2.16
C VAL B 251 26.10 3.24 -3.59
N ASP B 252 26.16 1.96 -4.04
CA ASP B 252 25.80 1.63 -5.41
C ASP B 252 24.33 1.88 -5.70
N ILE B 253 23.46 1.52 -4.79
CA ILE B 253 22.04 1.67 -5.10
C ILE B 253 21.61 3.13 -5.05
N LEU B 254 22.40 4.02 -4.42
CA LEU B 254 22.17 5.45 -4.51
C LEU B 254 22.71 6.06 -5.80
N GLY B 255 23.36 5.27 -6.65
CA GLY B 255 23.97 5.78 -7.86
C GLY B 255 23.01 6.52 -8.76
N PRO B 256 21.84 5.92 -9.07
CA PRO B 256 20.91 6.60 -9.98
C PRO B 256 20.45 7.95 -9.46
N LEU B 257 20.17 8.07 -8.16
CA LEU B 257 19.72 9.34 -7.60
C LEU B 257 20.84 10.35 -7.56
N SER B 258 22.06 9.88 -7.28
CA SER B 258 23.24 10.75 -7.36
C SER B 258 23.43 11.29 -8.77
N ALA B 259 23.23 10.45 -9.78
CA ALA B 259 23.36 10.88 -11.16
C ALA B 259 22.23 11.84 -11.55
N GLN B 260 21.03 11.57 -11.06
CA GLN B 260 19.89 12.42 -11.41
C GLN B 260 20.05 13.82 -10.85
N THR B 261 20.69 13.95 -9.69
CA THR B 261 20.84 15.24 -9.02
C THR B 261 22.23 15.85 -9.18
N GLY B 262 23.22 15.09 -9.60
CA GLY B 262 24.59 15.56 -9.62
C GLY B 262 25.25 15.71 -8.26
N ILE B 263 24.64 15.18 -7.22
CA ILE B 263 25.19 15.25 -5.87
C ILE B 263 25.82 13.91 -5.55
N ALA B 264 27.13 13.91 -5.39
CA ALA B 264 27.86 12.70 -5.06
C ALA B 264 27.35 12.13 -3.76
N VAL B 265 27.35 10.80 -3.69
CA VAL B 265 26.85 10.12 -2.51
C VAL B 265 27.54 10.63 -1.25
N LEU B 266 28.88 10.72 -1.28
CA LEU B 266 29.62 11.16 -0.09
C LEU B 266 29.36 12.62 0.25
N ASP B 267 29.03 13.45 -0.74
CA ASP B 267 28.62 14.81 -0.44
C ASP B 267 27.26 14.81 0.27
N MET B 268 26.33 13.97 -0.18
CA MET B 268 25.06 13.88 0.53
C MET B 268 25.27 13.33 1.94
N CYS B 269 26.21 12.39 2.11
CA CYS B 269 26.53 11.90 3.44
C CYS B 269 27.01 13.04 4.35
N ALA B 270 27.82 13.95 3.81
CA ALA B 270 28.27 15.08 4.63
C ALA B 270 27.10 15.97 5.02
N SER B 271 26.12 16.14 4.13
CA SER B 271 24.94 16.92 4.47
C SER B 271 24.13 16.23 5.57
N LEU B 272 23.98 14.91 5.45
CA LEU B 272 23.25 14.18 6.50
C LEU B 272 24.00 14.25 7.82
N LYS B 273 25.34 14.14 7.78
CA LYS B 273 26.13 14.24 9.01
C LYS B 273 25.87 15.56 9.72
N GLU B 274 25.80 16.66 8.96
CA GLU B 274 25.54 17.95 9.58
C GLU B 274 24.15 18.00 10.18
N LEU B 275 23.15 17.42 9.50
CA LEU B 275 21.82 17.33 10.07
C LEU B 275 21.83 16.55 11.38
N LEU B 276 22.54 15.43 11.42
CA LEU B 276 22.57 14.64 12.65
C LEU B 276 23.22 15.43 13.78
N GLN B 277 24.31 16.12 13.48
CA GLN B 277 25.09 16.80 14.51
C GLN B 277 24.45 18.11 14.95
N ASN B 278 23.74 18.81 14.06
CA ASN B 278 23.17 20.10 14.38
C ASN B 278 21.65 20.09 14.52
N GLY B 279 20.99 19.04 14.07
CA GLY B 279 19.54 19.02 14.06
C GLY B 279 18.97 19.86 12.93
N MET B 280 17.64 19.89 12.89
CA MET B 280 16.94 20.59 11.83
C MET B 280 16.80 22.09 12.10
N ASN B 281 16.96 22.50 13.36
CA ASN B 281 16.87 23.91 13.72
C ASN B 281 15.56 24.52 13.25
N GLY B 282 14.46 23.84 13.54
CA GLY B 282 13.13 24.33 13.24
C GLY B 282 12.73 24.24 11.77
N ARG B 283 13.56 23.64 10.93
CA ARG B 283 13.28 23.54 9.51
C ARG B 283 12.64 22.20 9.20
N THR B 284 12.07 22.12 8.00
CA THR B 284 11.48 20.89 7.50
C THR B 284 12.12 20.49 6.19
N ILE B 285 12.00 19.19 5.88
CA ILE B 285 12.40 18.63 4.61
C ILE B 285 11.19 17.86 4.08
N LEU B 286 10.79 18.19 2.85
CA LEU B 286 9.57 17.63 2.29
C LEU B 286 8.40 17.79 3.25
N GLY B 287 8.36 18.92 3.94
CA GLY B 287 7.25 19.24 4.81
C GLY B 287 7.31 18.69 6.22
N SER B 288 8.36 17.96 6.57
CA SER B 288 8.40 17.29 7.87
C SER B 288 9.71 17.59 8.58
N ALA B 289 9.63 17.63 9.92
CA ALA B 289 10.80 17.72 10.77
C ALA B 289 11.45 16.37 11.00
N LEU B 290 10.80 15.28 10.59
CA LEU B 290 11.31 13.93 10.76
C LEU B 290 11.82 13.40 9.44
N LEU B 291 12.97 12.74 9.49
CA LEU B 291 13.54 12.10 8.30
C LEU B 291 12.96 10.71 8.13
N GLU B 292 12.49 10.42 6.91
CA GLU B 292 11.85 9.14 6.61
C GLU B 292 12.91 8.12 6.22
N ASP B 293 12.76 6.86 6.72
CA ASP B 293 13.73 5.82 6.44
C ASP B 293 13.12 4.56 5.84
N GLU B 294 11.90 4.62 5.33
CA GLU B 294 11.27 3.44 4.74
C GLU B 294 10.96 3.60 3.27
N PHE B 295 11.56 4.57 2.60
CA PHE B 295 11.56 4.67 1.15
C PHE B 295 12.95 4.38 0.62
N THR B 296 13.08 3.36 -0.19
CA THR B 296 14.35 3.00 -0.78
C THR B 296 14.65 3.90 -1.97
N PRO B 297 15.89 3.87 -2.44
CA PRO B 297 16.20 4.57 -3.68
C PRO B 297 15.31 4.18 -4.84
N PHE B 298 14.96 2.90 -4.94
CA PHE B 298 14.06 2.45 -5.99
C PHE B 298 12.66 3.02 -5.80
N ASP B 299 12.18 3.04 -4.55
CA ASP B 299 10.87 3.64 -4.26
C ASP B 299 10.82 5.09 -4.68
N VAL B 300 11.89 5.84 -4.43
CA VAL B 300 11.89 7.26 -4.77
C VAL B 300 11.83 7.43 -6.28
N VAL B 301 12.64 6.65 -7.01
CA VAL B 301 12.64 6.77 -8.46
C VAL B 301 11.27 6.37 -9.02
N ARG B 302 10.64 5.37 -8.43
CA ARG B 302 9.28 4.90 -8.84
C ARG B 302 8.29 6.07 -8.73
N GLN B 303 8.32 6.85 -7.66
CA GLN B 303 7.32 7.89 -7.42
C GLN B 303 7.69 9.24 -8.00
N CYS B 304 8.99 9.51 -8.22
CA CYS B 304 9.38 10.78 -8.79
C CYS B 304 9.34 10.76 -10.31
N SER B 305 9.79 9.66 -10.90
CA SER B 305 9.97 9.56 -12.34
C SER B 305 9.07 8.55 -13.03
N GLY B 306 8.50 7.59 -12.29
CA GLY B 306 7.59 6.62 -12.87
C GLY B 306 8.29 5.38 -13.39
#